data_5YP6
#
_entry.id   5YP6
#
_cell.length_a   62.201
_cell.length_b   62.201
_cell.length_c   154.822
_cell.angle_alpha   90.00
_cell.angle_beta   90.00
_cell.angle_gamma   90.00
#
_symmetry.space_group_name_H-M   'P 41 21 2'
#
loop_
_entity.id
_entity.type
_entity.pdbx_description
1 polymer 'Nuclear receptor ROR-gamma'
2 polymer SRC2
3 non-polymer "N-[3'-cyano-4'-(2-methylpropyl)-2-(trifluoromethyl)biphenyl-4-yl]-2-[4-(ethylsulfonyl)phenyl]acetamide"
4 water water
#
loop_
_entity_poly.entity_id
_entity_poly.type
_entity_poly.pdbx_seq_one_letter_code
_entity_poly.pdbx_strand_id
1 'polypeptide(L)'
;ASLTEIEHLVQSVCKSYRETCQLRLEDLLRQRSNIFSREEVTGYQRKSMWEMWERCAHHLTEAIQYVVEFAKRLSGFMEL
CQNDQIVLLKAGAMEVVLVRMCRAYNADNRTVFFEGKYGGMELFRALGCSELISSIFDFSHSLSALHFSEDEIALYTALV
LINAHRPGLQEKRKVEQLQYNLELAFHHHLCKTHRQSILAKLPPKGKLRSLCSQHVERLQIFQHLHPIVVQAAFPPLYKE
LFSTE
;
A
2 'polypeptide(L)' KILHRLLQ B
#
loop_
_chem_comp.id
_chem_comp.type
_chem_comp.name
_chem_comp.formula
4CX non-polymer N-[3'-cyano-4'-(2-methylpropyl)-2-(trifluoromethyl)biphenyl-4-yl]-2-[4-(ethylsulfonyl)phenyl]acetamide 'C28 H27 F3 N2 O3 S'
#
# COMPACT_ATOMS: atom_id res chain seq x y z
N ALA A 1 1.62 10.48 -29.09
CA ALA A 1 2.58 10.03 -28.04
C ALA A 1 3.85 9.47 -28.69
N SER A 2 4.97 10.15 -28.47
CA SER A 2 6.26 9.64 -28.91
C SER A 2 6.80 8.63 -27.90
N LEU A 3 7.91 7.98 -28.26
CA LEU A 3 8.61 7.08 -27.36
C LEU A 3 9.36 7.90 -26.30
N THR A 4 9.81 9.08 -26.69
CA THR A 4 10.50 10.00 -25.77
C THR A 4 9.52 10.51 -24.70
N GLU A 5 8.28 10.74 -25.08
CA GLU A 5 7.23 11.16 -24.14
C GLU A 5 6.91 10.06 -23.12
N ILE A 6 6.86 8.81 -23.59
CA ILE A 6 6.55 7.68 -22.72
C ILE A 6 7.69 7.44 -21.74
N GLU A 7 8.93 7.49 -22.25
CA GLU A 7 10.11 7.38 -21.41
C GLU A 7 10.15 8.48 -20.36
N HIS A 8 9.74 9.69 -20.75
CA HIS A 8 9.68 10.81 -19.79
C HIS A 8 8.71 10.50 -18.64
N LEU A 9 7.59 9.85 -18.96
CA LEU A 9 6.59 9.47 -17.97
C LEU A 9 7.14 8.39 -17.02
N VAL A 10 7.88 7.44 -17.58
CA VAL A 10 8.51 6.39 -16.79
C VAL A 10 9.41 7.01 -15.71
N GLN A 11 10.31 7.90 -16.13
CA GLN A 11 11.24 8.54 -15.19
C GLN A 11 10.55 9.47 -14.20
N SER A 12 9.50 10.16 -14.65
CA SER A 12 8.72 11.02 -13.77
C SER A 12 8.02 10.22 -12.67
N VAL A 13 7.43 9.09 -13.04
CA VAL A 13 6.75 8.22 -12.08
C VAL A 13 7.74 7.62 -11.09
N CYS A 14 8.88 7.16 -11.60
CA CYS A 14 9.93 6.59 -10.76
C CYS A 14 10.48 7.60 -9.76
N LYS A 15 10.67 8.83 -10.23
CA LYS A 15 11.14 9.92 -9.37
C LYS A 15 10.12 10.22 -8.27
N SER A 16 8.85 10.35 -8.65
CA SER A 16 7.77 10.61 -7.71
C SER A 16 7.72 9.55 -6.62
N TYR A 17 7.94 8.29 -7.02
CA TYR A 17 7.98 7.18 -6.09
C TYR A 17 9.18 7.26 -5.13
N ARG A 18 10.36 7.51 -5.69
CA ARG A 18 11.58 7.61 -4.86
C ARG A 18 11.44 8.68 -3.77
N GLU A 19 10.85 9.81 -4.13
CA GLU A 19 10.68 10.93 -3.21
C GLU A 19 9.65 10.66 -2.11
N THR A 20 8.82 9.62 -2.27
CA THR A 20 7.72 9.33 -1.35
C THR A 20 7.71 7.88 -0.85
N CYS A 21 8.82 7.17 -0.99
CA CYS A 21 8.84 5.71 -0.70
C CYS A 21 8.87 5.34 0.79
N GLN A 22 8.94 6.35 1.67
CA GLN A 22 8.89 6.17 3.13
C GLN A 22 10.21 5.71 3.74
N LEU A 23 10.61 4.47 3.46
CA LEU A 23 11.92 3.97 3.84
C LEU A 23 12.69 3.54 2.60
N ARG A 24 13.98 3.89 2.55
CA ARG A 24 14.85 3.40 1.49
C ARG A 24 14.94 1.89 1.57
N LEU A 25 14.95 1.24 0.40
CA LEU A 25 15.05 -0.21 0.33
C LEU A 25 16.27 -0.73 1.10
N GLU A 26 17.40 -0.04 0.94
CA GLU A 26 18.65 -0.44 1.57
C GLU A 26 18.53 -0.48 3.09
N ASP A 27 17.80 0.48 3.65
CA ASP A 27 17.58 0.53 5.10
C ASP A 27 16.75 -0.66 5.57
N LEU A 28 15.77 -1.06 4.78
CA LEU A 28 14.96 -2.23 5.11
C LEU A 28 15.79 -3.52 5.02
N LEU A 29 16.60 -3.64 3.97
CA LEU A 29 17.44 -4.83 3.79
C LEU A 29 18.51 -4.94 4.88
N ARG A 30 19.12 -3.81 5.26
CA ARG A 30 20.16 -3.80 6.31
C ARG A 30 19.67 -4.30 7.67
N GLN A 31 18.37 -4.21 7.92
CA GLN A 31 17.80 -4.58 9.22
C GLN A 31 17.25 -6.01 9.29
N ARG A 32 17.51 -6.82 8.26
CA ARG A 32 16.90 -8.17 8.18
C ARG A 32 17.37 -9.15 9.26
N SER A 33 18.58 -8.96 9.78
CA SER A 33 19.07 -9.78 10.91
C SER A 33 18.48 -9.32 12.24
N ASN A 34 17.96 -8.10 12.27
CA ASN A 34 17.35 -7.56 13.48
C ASN A 34 15.92 -8.09 13.65
N ILE A 35 15.82 -9.25 14.30
CA ILE A 35 14.57 -9.98 14.45
C ILE A 35 14.10 -9.98 15.91
N PHE A 36 12.81 -9.74 16.12
CA PHE A 36 12.23 -9.77 17.46
C PHE A 36 12.53 -11.11 18.14
N SER A 37 12.95 -11.06 19.40
CA SER A 37 13.24 -12.27 20.17
C SER A 37 11.94 -12.92 20.62
N ARG A 38 12.04 -14.15 21.13
CA ARG A 38 10.89 -14.88 21.66
C ARG A 38 10.18 -14.09 22.78
N GLU A 39 10.97 -13.38 23.58
CA GLU A 39 10.45 -12.57 24.68
C GLU A 39 9.66 -11.36 24.17
N GLU A 40 10.19 -10.69 23.15
CA GLU A 40 9.53 -9.55 22.55
C GLU A 40 8.24 -9.96 21.83
N VAL A 41 8.27 -11.13 21.18
CA VAL A 41 7.07 -11.68 20.54
C VAL A 41 5.98 -11.93 21.58
N THR A 42 6.33 -12.64 22.65
CA THR A 42 5.43 -12.85 23.78
C THR A 42 4.89 -11.51 24.30
N GLY A 43 5.77 -10.52 24.39
CA GLY A 43 5.37 -9.16 24.77
C GLY A 43 4.25 -8.63 23.90
N TYR A 44 4.39 -8.72 22.58
CA TYR A 44 3.35 -8.28 21.66
C TYR A 44 2.04 -9.05 21.82
N GLN A 45 2.15 -10.36 22.01
CA GLN A 45 0.99 -11.24 22.12
C GLN A 45 0.17 -11.00 23.39
N ARG A 46 0.84 -10.56 24.45
CA ARG A 46 0.16 -10.25 25.72
C ARG A 46 -0.48 -8.87 25.75
N LYS A 47 -0.19 -8.04 24.75
CA LYS A 47 -0.81 -6.72 24.67
C LYS A 47 -2.29 -6.88 24.37
N SER A 48 -3.10 -5.92 24.81
CA SER A 48 -4.53 -5.98 24.60
C SER A 48 -4.85 -5.85 23.11
N MET A 49 -6.00 -6.37 22.71
CA MET A 49 -6.43 -6.30 21.32
C MET A 49 -6.53 -4.85 20.85
N TRP A 50 -7.11 -3.99 21.68
CA TRP A 50 -7.34 -2.60 21.29
C TRP A 50 -6.04 -1.78 21.20
N GLU A 51 -5.08 -2.03 22.09
CA GLU A 51 -3.77 -1.36 21.98
C GLU A 51 -3.03 -1.78 20.71
N MET A 52 -3.07 -3.07 20.39
CA MET A 52 -2.41 -3.57 19.19
C MET A 52 -3.09 -3.01 17.93
N TRP A 53 -4.42 -2.96 17.94
CA TRP A 53 -5.19 -2.36 16.84
C TRP A 53 -4.82 -0.89 16.62
N GLU A 54 -4.74 -0.14 17.71
CA GLU A 54 -4.37 1.28 17.65
C GLU A 54 -2.98 1.47 17.06
N ARG A 55 -2.02 0.66 17.50
CA ARG A 55 -0.66 0.73 16.98
C ARG A 55 -0.59 0.42 15.48
N CYS A 56 -1.28 -0.63 15.05
CA CYS A 56 -1.31 -1.00 13.63
C CYS A 56 -2.01 0.07 12.79
N ALA A 57 -3.08 0.66 13.32
CA ALA A 57 -3.80 1.71 12.62
C ALA A 57 -2.93 2.95 12.45
N HIS A 58 -2.12 3.26 13.46
CA HIS A 58 -1.18 4.38 13.40
C HIS A 58 -0.11 4.20 12.32
N HIS A 59 0.46 3.01 12.24
CA HIS A 59 1.53 2.74 11.28
C HIS A 59 1.00 2.66 9.84
N LEU A 60 -0.20 2.11 9.68
CA LEU A 60 -0.88 2.15 8.39
C LEU A 60 -1.12 3.59 7.96
N THR A 61 -1.57 4.43 8.90
CA THR A 61 -1.83 5.84 8.62
C THR A 61 -0.56 6.55 8.17
N GLU A 62 0.56 6.31 8.85
CA GLU A 62 1.85 6.84 8.44
C GLU A 62 2.19 6.45 7.00
N ALA A 63 2.04 5.17 6.70
CA ALA A 63 2.31 4.67 5.35
C ALA A 63 1.40 5.32 4.31
N ILE A 64 0.12 5.42 4.65
CA ILE A 64 -0.88 6.04 3.76
C ILE A 64 -0.53 7.49 3.44
N GLN A 65 -0.02 8.22 4.43
CA GLN A 65 0.37 9.62 4.23
C GLN A 65 1.43 9.77 3.14
N TYR A 66 2.36 8.81 3.06
CA TYR A 66 3.36 8.83 1.98
C TYR A 66 2.74 8.53 0.61
N VAL A 67 1.73 7.66 0.61
CA VAL A 67 0.99 7.34 -0.62
C VAL A 67 0.20 8.55 -1.13
N VAL A 68 -0.38 9.33 -0.22
CA VAL A 68 -1.07 10.55 -0.60
C VAL A 68 -0.09 11.52 -1.27
N GLU A 69 1.09 11.65 -0.69
CA GLU A 69 2.13 12.50 -1.27
C GLU A 69 2.59 11.96 -2.63
N PHE A 70 2.75 10.65 -2.74
CA PHE A 70 3.04 10.00 -4.02
C PHE A 70 2.01 10.43 -5.08
N ALA A 71 0.73 10.30 -4.74
CA ALA A 71 -0.36 10.71 -5.62
C ALA A 71 -0.25 12.18 -6.03
N LYS A 72 -0.02 13.05 -5.06
CA LYS A 72 0.11 14.49 -5.33
C LYS A 72 1.25 14.81 -6.31
N ARG A 73 2.33 14.07 -6.24
CA ARG A 73 3.46 14.26 -7.15
C ARG A 73 3.35 13.43 -8.42
N LEU A 74 2.32 12.59 -8.51
CA LEU A 74 2.12 11.72 -9.66
C LEU A 74 1.55 12.49 -10.86
N SER A 75 2.28 12.45 -11.97
CA SER A 75 1.90 13.12 -13.21
C SER A 75 0.43 12.91 -13.57
N GLY A 76 -0.33 14.01 -13.67
CA GLY A 76 -1.74 13.97 -14.06
C GLY A 76 -2.75 13.95 -12.92
N PHE A 77 -2.34 13.49 -11.73
CA PHE A 77 -3.27 13.27 -10.62
C PHE A 77 -3.93 14.56 -10.14
N MET A 78 -3.12 15.60 -9.94
CA MET A 78 -3.63 16.89 -9.45
C MET A 78 -4.40 17.67 -10.52
N GLU A 79 -4.34 17.23 -11.77
CA GLU A 79 -5.16 17.81 -12.85
C GLU A 79 -6.58 17.23 -12.87
N LEU A 80 -6.78 16.09 -12.21
CA LEU A 80 -8.13 15.55 -12.01
C LEU A 80 -8.88 16.40 -11.00
N CYS A 81 -10.20 16.41 -11.07
CA CYS A 81 -11.03 17.15 -10.11
C CYS A 81 -10.89 16.55 -8.72
N GLN A 82 -11.11 17.37 -7.69
CA GLN A 82 -10.94 16.94 -6.30
C GLN A 82 -11.82 15.75 -5.92
N ASN A 83 -13.02 15.68 -6.49
CA ASN A 83 -13.90 14.53 -6.26
C ASN A 83 -13.21 13.23 -6.64
N ASP A 84 -12.60 13.23 -7.83
CA ASP A 84 -11.94 12.05 -8.37
C ASP A 84 -10.63 11.72 -7.66
N GLN A 85 -9.87 12.75 -7.27
CA GLN A 85 -8.66 12.57 -6.46
C GLN A 85 -8.99 11.78 -5.20
N ILE A 86 -10.07 12.19 -4.53
CA ILE A 86 -10.49 11.58 -3.28
C ILE A 86 -11.00 10.17 -3.49
N VAL A 87 -11.81 9.98 -4.52
CA VAL A 87 -12.31 8.65 -4.88
C VAL A 87 -11.15 7.68 -5.10
N LEU A 88 -10.16 8.09 -5.89
CA LEU A 88 -9.03 7.23 -6.20
C LEU A 88 -8.21 6.90 -4.95
N LEU A 89 -7.97 7.90 -4.10
CA LEU A 89 -7.22 7.69 -2.86
C LEU A 89 -7.96 6.81 -1.86
N LYS A 90 -9.25 7.07 -1.65
CA LYS A 90 -10.08 6.26 -0.75
C LYS A 90 -10.07 4.79 -1.13
N ALA A 91 -10.16 4.51 -2.42
CA ALA A 91 -10.20 3.14 -2.91
C ALA A 91 -8.80 2.52 -3.09
N GLY A 92 -7.79 3.34 -3.34
CA GLY A 92 -6.47 2.86 -3.75
C GLY A 92 -5.31 3.02 -2.78
N ALA A 93 -5.45 3.92 -1.80
CA ALA A 93 -4.33 4.21 -0.88
C ALA A 93 -3.87 2.96 -0.14
N MET A 94 -4.82 2.23 0.43
CA MET A 94 -4.51 1.01 1.18
C MET A 94 -3.92 -0.08 0.30
N GLU A 95 -4.45 -0.22 -0.91
CA GLU A 95 -3.94 -1.18 -1.89
C GLU A 95 -2.47 -0.91 -2.23
N VAL A 96 -2.13 0.37 -2.39
CA VAL A 96 -0.75 0.78 -2.67
C VAL A 96 0.17 0.41 -1.50
N VAL A 97 -0.29 0.67 -0.27
CA VAL A 97 0.48 0.33 0.92
C VAL A 97 0.72 -1.18 0.99
N LEU A 98 -0.30 -1.97 0.68
CA LEU A 98 -0.17 -3.42 0.69
C LEU A 98 0.87 -3.93 -0.32
N VAL A 99 0.97 -3.26 -1.47
CA VAL A 99 1.98 -3.61 -2.47
C VAL A 99 3.38 -3.16 -2.04
N ARG A 100 3.47 -1.91 -1.58
CA ARG A 100 4.73 -1.39 -1.05
C ARG A 100 5.30 -2.26 0.08
N MET A 101 4.41 -2.91 0.83
CA MET A 101 4.82 -3.69 2.00
C MET A 101 5.72 -4.90 1.66
N CYS A 102 5.68 -5.39 0.42
CA CYS A 102 6.56 -6.51 0.02
C CYS A 102 8.05 -6.17 0.15
N ARG A 103 8.36 -4.88 0.04
CA ARG A 103 9.72 -4.36 0.27
C ARG A 103 10.23 -4.64 1.68
N ALA A 104 9.32 -4.59 2.65
CA ALA A 104 9.64 -4.79 4.06
C ALA A 104 9.38 -6.23 4.50
N TYR A 105 9.14 -7.11 3.54
CA TYR A 105 8.87 -8.51 3.80
C TYR A 105 10.07 -9.37 3.42
N ASN A 106 10.47 -10.27 4.34
CA ASN A 106 11.59 -11.18 4.11
C ASN A 106 11.06 -12.58 3.86
N ALA A 107 11.15 -13.03 2.61
CA ALA A 107 10.61 -14.32 2.19
C ALA A 107 11.39 -15.52 2.75
N ASP A 108 12.65 -15.31 3.11
CA ASP A 108 13.50 -16.39 3.62
C ASP A 108 13.04 -16.92 4.98
N ASN A 109 12.61 -16.03 5.86
CA ASN A 109 12.10 -16.41 7.18
C ASN A 109 10.65 -15.99 7.45
N ARG A 110 9.97 -15.50 6.41
CA ARG A 110 8.57 -15.08 6.48
C ARG A 110 8.31 -14.06 7.60
N THR A 111 9.13 -13.01 7.63
CA THR A 111 8.96 -11.92 8.58
C THR A 111 8.69 -10.61 7.86
N VAL A 112 8.15 -9.64 8.61
CA VAL A 112 7.87 -8.31 8.09
C VAL A 112 8.44 -7.26 9.05
N PHE A 113 8.88 -6.14 8.50
CA PHE A 113 9.41 -5.04 9.30
C PHE A 113 8.26 -4.35 10.03
N PHE A 114 8.36 -4.30 11.35
CA PHE A 114 7.32 -3.70 12.19
C PHE A 114 7.95 -3.12 13.45
N GLU A 115 7.79 -1.82 13.65
CA GLU A 115 8.32 -1.14 14.83
C GLU A 115 9.79 -1.48 15.12
N GLY A 116 10.63 -1.29 14.11
CA GLY A 116 12.09 -1.36 14.28
C GLY A 116 12.74 -2.70 14.02
N LYS A 117 11.96 -3.78 14.06
CA LYS A 117 12.51 -5.13 13.85
C LYS A 117 11.58 -5.99 13.01
N TYR A 118 12.10 -7.15 12.61
CA TYR A 118 11.37 -8.09 11.80
C TYR A 118 10.70 -9.16 12.66
N GLY A 119 9.41 -9.39 12.41
CA GLY A 119 8.64 -10.41 13.13
C GLY A 119 7.70 -11.17 12.22
N GLY A 120 7.45 -12.44 12.55
CA GLY A 120 6.52 -13.28 11.80
C GLY A 120 5.08 -12.90 12.11
N MET A 121 4.14 -13.63 11.53
CA MET A 121 2.72 -13.32 11.74
C MET A 121 2.24 -13.62 13.16
N GLU A 122 2.97 -14.45 13.91
CA GLU A 122 2.67 -14.67 15.32
C GLU A 122 2.73 -13.39 16.16
N LEU A 123 3.48 -12.40 15.68
CA LEU A 123 3.60 -11.10 16.34
C LEU A 123 2.25 -10.41 16.51
N PHE A 124 1.33 -10.65 15.57
CA PHE A 124 0.06 -9.93 15.50
C PHE A 124 -1.14 -10.68 16.08
N ARG A 125 -0.87 -11.74 16.85
CA ARG A 125 -1.92 -12.65 17.33
C ARG A 125 -2.95 -11.97 18.25
N ALA A 126 -2.54 -10.92 18.95
CA ALA A 126 -3.45 -10.18 19.83
C ALA A 126 -4.58 -9.46 19.08
N LEU A 127 -4.37 -9.18 17.80
CA LEU A 127 -5.39 -8.52 16.97
C LEU A 127 -6.68 -9.32 16.81
N GLY A 128 -6.56 -10.65 16.86
CA GLY A 128 -7.71 -11.52 16.58
C GLY A 128 -8.13 -11.45 15.11
N CYS A 129 -7.15 -11.34 14.21
CA CYS A 129 -7.41 -11.25 12.78
C CYS A 129 -6.51 -12.21 12.01
N SER A 130 -6.53 -13.47 12.41
CA SER A 130 -5.60 -14.48 11.90
C SER A 130 -5.70 -14.62 10.39
N GLU A 131 -6.93 -14.66 9.88
CA GLU A 131 -7.18 -14.83 8.45
C GLU A 131 -6.66 -13.63 7.65
N LEU A 132 -6.92 -12.43 8.15
CA LEU A 132 -6.43 -11.21 7.50
C LEU A 132 -4.91 -11.18 7.49
N ILE A 133 -4.29 -11.45 8.65
CA ILE A 133 -2.85 -11.37 8.77
C ILE A 133 -2.17 -12.37 7.84
N SER A 134 -2.64 -13.62 7.86
CA SER A 134 -2.05 -14.65 7.00
C SER A 134 -2.25 -14.32 5.51
N SER A 135 -3.40 -13.72 5.17
CA SER A 135 -3.65 -13.28 3.79
C SER A 135 -2.64 -12.21 3.36
N ILE A 136 -2.40 -11.23 4.24
CA ILE A 136 -1.42 -10.18 3.96
C ILE A 136 -0.02 -10.78 3.78
N PHE A 137 0.34 -11.71 4.65
CA PHE A 137 1.62 -12.40 4.55
C PHE A 137 1.73 -13.24 3.26
N ASP A 138 0.65 -13.91 2.88
CA ASP A 138 0.62 -14.71 1.65
C ASP A 138 0.76 -13.81 0.43
N PHE A 139 0.05 -12.68 0.43
CA PHE A 139 0.13 -11.72 -0.66
C PHE A 139 1.55 -11.16 -0.81
N SER A 140 2.18 -10.84 0.32
CA SER A 140 3.54 -10.32 0.31
C SER A 140 4.53 -11.37 -0.17
N HIS A 141 4.29 -12.63 0.22
CA HIS A 141 5.13 -13.73 -0.24
C HIS A 141 5.04 -13.87 -1.76
N SER A 142 3.82 -13.80 -2.31
CA SER A 142 3.63 -13.91 -3.75
C SER A 142 4.32 -12.78 -4.51
N LEU A 143 4.22 -11.56 -3.98
CA LEU A 143 4.90 -10.41 -4.59
C LEU A 143 6.42 -10.52 -4.50
N SER A 144 6.93 -11.09 -3.40
CA SER A 144 8.37 -11.24 -3.21
C SER A 144 8.99 -12.18 -4.23
N ALA A 145 8.24 -13.19 -4.65
CA ALA A 145 8.70 -14.15 -5.66
C ALA A 145 8.96 -13.51 -7.03
N LEU A 146 8.37 -12.33 -7.27
CA LEU A 146 8.57 -11.61 -8.53
C LEU A 146 9.87 -10.79 -8.55
N HIS A 147 10.43 -10.54 -7.36
CA HIS A 147 11.65 -9.74 -7.21
C HIS A 147 11.55 -8.36 -7.88
N PHE A 148 10.51 -7.61 -7.52
CA PHE A 148 10.34 -6.26 -8.04
C PHE A 148 11.57 -5.38 -7.82
N SER A 149 11.99 -4.68 -8.88
CA SER A 149 12.87 -3.53 -8.72
C SER A 149 12.04 -2.37 -8.18
N GLU A 150 12.72 -1.33 -7.70
CA GLU A 150 12.03 -0.14 -7.20
C GLU A 150 11.25 0.57 -8.29
N ASP A 151 11.85 0.68 -9.48
CA ASP A 151 11.20 1.27 -10.64
C ASP A 151 9.91 0.53 -11.00
N GLU A 152 9.93 -0.79 -10.93
CA GLU A 152 8.74 -1.61 -11.21
C GLU A 152 7.63 -1.37 -10.18
N ILE A 153 8.01 -1.25 -8.91
CA ILE A 153 7.06 -0.93 -7.85
C ILE A 153 6.43 0.45 -8.08
N ALA A 154 7.26 1.40 -8.49
CA ALA A 154 6.78 2.75 -8.80
C ALA A 154 5.71 2.72 -9.90
N LEU A 155 6.00 2.02 -10.99
CA LEU A 155 5.11 1.99 -12.15
C LEU A 155 3.84 1.19 -11.86
N TYR A 156 3.99 0.05 -11.18
CA TYR A 156 2.88 -0.81 -10.81
C TYR A 156 1.96 -0.12 -9.81
N THR A 157 2.52 0.51 -8.79
CA THR A 157 1.69 1.22 -7.79
C THR A 157 0.98 2.44 -8.37
N ALA A 158 1.61 3.11 -9.33
CA ALA A 158 0.95 4.20 -10.05
C ALA A 158 -0.35 3.73 -10.70
N LEU A 159 -0.31 2.54 -11.30
CA LEU A 159 -1.48 1.93 -11.92
C LEU A 159 -2.53 1.42 -10.92
N VAL A 160 -2.07 0.91 -9.78
CA VAL A 160 -2.99 0.53 -8.70
C VAL A 160 -3.86 1.72 -8.29
N LEU A 161 -3.24 2.90 -8.23
CA LEU A 161 -3.95 4.13 -7.87
C LEU A 161 -4.82 4.68 -9.00
N ILE A 162 -4.26 4.79 -10.20
CA ILE A 162 -4.97 5.37 -11.33
C ILE A 162 -5.79 4.30 -12.04
N ASN A 163 -6.95 4.04 -11.46
CA ASN A 163 -7.87 3.00 -11.93
C ASN A 163 -9.18 3.67 -12.33
N ALA A 164 -9.49 3.65 -13.63
CA ALA A 164 -10.68 4.31 -14.14
C ALA A 164 -12.00 3.58 -13.82
N HIS A 165 -11.91 2.35 -13.29
CA HIS A 165 -13.12 1.61 -12.92
C HIS A 165 -13.67 1.95 -11.53
N ARG A 166 -12.96 2.76 -10.75
CA ARG A 166 -13.40 3.09 -9.39
C ARG A 166 -14.78 3.73 -9.41
N PRO A 167 -15.75 3.19 -8.65
CA PRO A 167 -17.06 3.84 -8.60
C PRO A 167 -16.98 5.24 -7.99
N GLY A 168 -17.76 6.17 -8.53
CA GLY A 168 -17.84 7.54 -8.02
C GLY A 168 -17.07 8.57 -8.83
N LEU A 169 -16.35 8.12 -9.85
CA LEU A 169 -15.57 9.02 -10.69
C LEU A 169 -16.47 9.88 -11.58
N GLN A 170 -16.23 11.18 -11.56
CA GLN A 170 -17.00 12.13 -12.37
C GLN A 170 -16.39 12.33 -13.76
N GLU A 171 -15.07 12.24 -13.86
CA GLU A 171 -14.37 12.42 -15.14
C GLU A 171 -13.67 11.11 -15.53
N LYS A 172 -14.48 10.11 -15.84
CA LYS A 172 -13.99 8.75 -16.10
C LYS A 172 -13.01 8.72 -17.27
N ARG A 173 -13.37 9.38 -18.36
CA ARG A 173 -12.52 9.41 -19.56
C ARG A 173 -11.14 9.99 -19.28
N LYS A 174 -11.08 11.06 -18.51
CA LYS A 174 -9.82 11.68 -18.12
C LYS A 174 -8.94 10.69 -17.35
N VAL A 175 -9.54 9.95 -16.42
CA VAL A 175 -8.82 8.92 -15.67
C VAL A 175 -8.41 7.75 -16.58
N GLU A 176 -9.29 7.38 -17.50
CA GLU A 176 -8.97 6.35 -18.51
C GLU A 176 -7.71 6.70 -19.31
N GLN A 177 -7.60 7.96 -19.73
CA GLN A 177 -6.50 8.42 -20.55
C GLN A 177 -5.17 8.36 -19.78
N LEU A 178 -5.17 8.87 -18.56
CA LEU A 178 -3.99 8.81 -17.69
C LEU A 178 -3.60 7.36 -17.37
N GLN A 179 -4.59 6.52 -17.10
CA GLN A 179 -4.34 5.09 -16.84
C GLN A 179 -3.64 4.45 -18.03
N TYR A 180 -4.16 4.72 -19.23
CA TYR A 180 -3.60 4.15 -20.45
C TYR A 180 -2.15 4.60 -20.66
N ASN A 181 -1.87 5.88 -20.44
CA ASN A 181 -0.51 6.41 -20.54
C ASN A 181 0.44 5.74 -19.55
N LEU A 182 -0.05 5.49 -18.34
CA LEU A 182 0.74 4.81 -17.31
C LEU A 182 0.94 3.32 -17.62
N GLU A 183 -0.05 2.71 -18.26
CA GLU A 183 0.07 1.32 -18.72
C GLU A 183 1.18 1.21 -19.76
N LEU A 184 1.14 2.11 -20.75
CA LEU A 184 2.20 2.20 -21.76
C LEU A 184 3.58 2.37 -21.11
N ALA A 185 3.67 3.31 -20.17
CA ALA A 185 4.92 3.57 -19.46
C ALA A 185 5.42 2.32 -18.74
N PHE A 186 4.53 1.67 -18.00
CA PHE A 186 4.85 0.44 -17.27
C PHE A 186 5.31 -0.66 -18.23
N HIS A 187 4.52 -0.90 -19.27
CA HIS A 187 4.78 -1.98 -20.21
C HIS A 187 5.99 -1.70 -21.11
N HIS A 188 6.18 -0.43 -21.49
CA HIS A 188 7.41 -0.03 -22.20
C HIS A 188 8.66 -0.34 -21.37
N HIS A 189 8.62 0.04 -20.10
CA HIS A 189 9.76 -0.18 -19.20
C HIS A 189 10.06 -1.67 -19.04
N LEU A 190 9.01 -2.48 -18.91
CA LEU A 190 9.16 -3.94 -18.85
C LEU A 190 9.74 -4.52 -20.14
N CYS A 191 9.32 -3.98 -21.28
CA CYS A 191 9.85 -4.40 -22.57
C CYS A 191 11.34 -4.06 -22.67
N LYS A 192 11.67 -2.81 -22.41
CA LYS A 192 13.08 -2.34 -22.45
C LYS A 192 14.01 -3.12 -21.53
N THR A 193 13.51 -3.51 -20.36
CA THR A 193 14.31 -4.22 -19.36
C THR A 193 14.13 -5.75 -19.42
N HIS A 194 13.42 -6.23 -20.43
CA HIS A 194 13.23 -7.68 -20.65
C HIS A 194 12.57 -8.36 -19.46
N ARG A 195 11.50 -7.73 -18.96
CA ARG A 195 10.82 -8.18 -17.76
C ARG A 195 9.32 -8.38 -17.96
N GLN A 196 8.90 -8.53 -19.22
CA GLN A 196 7.49 -8.75 -19.55
C GLN A 196 6.95 -10.08 -19.01
N SER A 197 7.84 -10.99 -18.65
CA SER A 197 7.45 -12.26 -18.02
C SER A 197 6.64 -12.10 -16.72
N ILE A 198 6.81 -10.97 -16.03
CA ILE A 198 6.11 -10.74 -14.77
C ILE A 198 4.63 -10.40 -14.95
N LEU A 199 4.23 -9.94 -16.15
CA LEU A 199 2.85 -9.52 -16.40
C LEU A 199 1.83 -10.59 -16.06
N ALA A 200 2.11 -11.83 -16.48
CA ALA A 200 1.23 -12.96 -16.23
C ALA A 200 1.22 -13.38 -14.75
N LYS A 201 2.25 -12.95 -14.02
CA LYS A 201 2.43 -13.34 -12.62
C LYS A 201 1.93 -12.28 -11.62
N LEU A 202 1.58 -11.10 -12.11
CA LEU A 202 0.96 -10.08 -11.26
C LEU A 202 -0.37 -10.60 -10.74
N PRO A 203 -0.70 -10.32 -9.46
CA PRO A 203 -1.94 -10.84 -8.91
C PRO A 203 -3.16 -10.14 -9.50
N PRO A 204 -4.29 -10.87 -9.65
CA PRO A 204 -5.50 -10.20 -10.13
C PRO A 204 -5.97 -9.11 -9.18
N LYS A 205 -6.76 -8.16 -9.70
CA LYS A 205 -7.32 -7.07 -8.89
C LYS A 205 -8.10 -7.57 -7.68
N GLY A 206 -8.77 -8.71 -7.82
CA GLY A 206 -9.57 -9.30 -6.76
C GLY A 206 -8.78 -9.68 -5.51
N LYS A 207 -7.50 -9.99 -5.67
CA LYS A 207 -6.65 -10.31 -4.52
C LYS A 207 -6.49 -9.09 -3.62
N LEU A 208 -6.15 -7.95 -4.23
CA LEU A 208 -6.03 -6.68 -3.51
C LEU A 208 -7.37 -6.20 -2.95
N ARG A 209 -8.42 -6.33 -3.75
CA ARG A 209 -9.77 -5.98 -3.32
C ARG A 209 -10.19 -6.83 -2.10
N SER A 210 -9.85 -8.11 -2.13
CA SER A 210 -10.14 -9.02 -1.02
C SER A 210 -9.46 -8.57 0.28
N LEU A 211 -8.18 -8.22 0.19
CA LEU A 211 -7.43 -7.76 1.37
C LEU A 211 -8.03 -6.50 1.98
N CYS A 212 -8.36 -5.53 1.14
CA CYS A 212 -8.98 -4.29 1.61
C CYS A 212 -10.37 -4.51 2.20
N SER A 213 -11.14 -5.41 1.60
CA SER A 213 -12.46 -5.79 2.13
C SER A 213 -12.35 -6.46 3.50
N GLN A 214 -11.43 -7.44 3.62
CA GLN A 214 -11.19 -8.11 4.90
C GLN A 214 -10.79 -7.12 5.99
N HIS A 215 -9.90 -6.19 5.64
CA HIS A 215 -9.46 -5.14 6.57
C HIS A 215 -10.66 -4.34 7.08
N VAL A 216 -11.48 -3.86 6.16
CA VAL A 216 -12.69 -3.10 6.52
C VAL A 216 -13.63 -3.94 7.40
N GLU A 217 -13.81 -5.21 7.04
CA GLU A 217 -14.68 -6.10 7.82
C GLU A 217 -14.17 -6.37 9.24
N ARG A 218 -12.86 -6.60 9.39
CA ARG A 218 -12.28 -6.83 10.71
C ARG A 218 -12.28 -5.56 11.56
N LEU A 219 -12.19 -4.40 10.91
CA LEU A 219 -12.34 -3.10 11.60
C LEU A 219 -13.76 -2.93 12.17
N GLN A 220 -14.77 -3.24 11.34
CA GLN A 220 -16.16 -3.16 11.77
C GLN A 220 -16.42 -4.02 12.99
N ILE A 221 -15.96 -5.28 12.94
CA ILE A 221 -16.05 -6.19 14.07
C ILE A 221 -15.40 -5.59 15.33
N PHE A 222 -14.20 -5.05 15.19
CA PHE A 222 -13.49 -4.46 16.32
C PHE A 222 -14.17 -3.20 16.86
N GLN A 223 -14.62 -2.33 15.94
CA GLN A 223 -15.27 -1.08 16.32
C GLN A 223 -16.59 -1.30 17.08
N HIS A 224 -17.22 -2.44 16.86
CA HIS A 224 -18.39 -2.86 17.64
C HIS A 224 -17.99 -3.25 19.06
N LEU A 225 -16.84 -3.89 19.21
CA LEU A 225 -16.32 -4.29 20.52
C LEU A 225 -15.77 -3.12 21.32
N HIS A 226 -15.13 -2.16 20.64
CA HIS A 226 -14.49 -1.03 21.30
C HIS A 226 -14.77 0.29 20.55
N PRO A 227 -16.04 0.74 20.54
CA PRO A 227 -16.39 1.96 19.81
C PRO A 227 -15.71 3.24 20.32
N ILE A 228 -15.53 3.37 21.63
CA ILE A 228 -14.94 4.58 22.19
C ILE A 228 -13.44 4.63 21.88
N VAL A 229 -12.79 3.47 21.84
CA VAL A 229 -11.38 3.38 21.47
C VAL A 229 -11.13 3.90 20.06
N VAL A 230 -11.98 3.49 19.12
CA VAL A 230 -11.86 3.97 17.75
C VAL A 230 -12.09 5.48 17.69
N GLN A 231 -13.17 5.94 18.34
CA GLN A 231 -13.49 7.36 18.36
C GLN A 231 -12.38 8.20 19.00
N ALA A 232 -11.83 7.70 20.11
CA ALA A 232 -10.91 8.48 20.93
C ALA A 232 -9.45 8.31 20.54
N ALA A 233 -9.08 7.15 20.01
CA ALA A 233 -7.67 6.77 19.90
C ALA A 233 -7.17 6.37 18.50
N PHE A 234 -8.06 6.24 17.53
CA PHE A 234 -7.64 5.90 16.16
C PHE A 234 -7.33 7.18 15.38
N PRO A 235 -6.35 7.11 14.46
CA PRO A 235 -6.03 8.30 13.67
C PRO A 235 -7.23 8.75 12.84
N PRO A 236 -7.49 10.07 12.78
CA PRO A 236 -8.59 10.63 12.00
C PRO A 236 -8.63 10.16 10.53
N LEU A 237 -7.48 10.19 9.86
CA LEU A 237 -7.38 9.78 8.46
C LEU A 237 -7.79 8.32 8.27
N TYR A 238 -7.37 7.45 9.21
CA TYR A 238 -7.73 6.03 9.17
C TYR A 238 -9.24 5.84 9.20
N LYS A 239 -9.91 6.58 10.08
CA LYS A 239 -11.37 6.48 10.20
C LYS A 239 -12.07 7.00 8.95
N GLU A 240 -11.60 8.14 8.45
CA GLU A 240 -12.10 8.70 7.21
C GLU A 240 -12.03 7.72 6.03
N LEU A 241 -10.90 7.01 5.93
CA LEU A 241 -10.70 6.06 4.83
C LEU A 241 -11.46 4.74 5.02
N PHE A 242 -11.56 4.25 6.26
CA PHE A 242 -12.01 2.88 6.53
C PHE A 242 -13.29 2.70 7.35
N SER A 243 -13.75 3.73 8.07
CA SER A 243 -15.01 3.64 8.83
C SER A 243 -16.20 4.13 8.00
N LYS B 1 -12.42 15.10 5.97
CA LYS B 1 -11.78 16.43 5.74
C LYS B 1 -10.25 16.40 5.87
N ILE B 2 -9.69 15.31 6.38
CA ILE B 2 -8.22 15.18 6.47
C ILE B 2 -7.62 15.01 5.07
N LEU B 3 -8.24 14.15 4.25
CA LEU B 3 -7.80 13.99 2.86
C LEU B 3 -7.76 15.33 2.13
N HIS B 4 -8.80 16.13 2.37
CA HIS B 4 -8.92 17.45 1.74
C HIS B 4 -7.77 18.38 2.14
N ARG B 5 -7.42 18.37 3.42
CA ARG B 5 -6.33 19.21 3.92
C ARG B 5 -4.98 18.79 3.33
N LEU B 6 -4.75 17.48 3.24
CA LEU B 6 -3.50 16.95 2.72
C LEU B 6 -3.28 17.27 1.24
N LEU B 7 -4.35 17.24 0.45
CA LEU B 7 -4.26 17.49 -0.98
C LEU B 7 -3.98 18.96 -1.34
N GLN B 8 -4.12 19.86 -0.37
CA GLN B 8 -3.78 21.27 -0.57
C GLN B 8 -3.27 21.90 0.72
N1 4CX C . 4.95 -2.26 9.27
C4 4CX C . 7.63 1.33 6.00
C5 4CX C . 7.40 0.99 7.33
C6 4CX C . 7.08 -0.33 7.66
C7 4CX C . 6.81 -0.72 9.11
C8 4CX C . 5.29 -0.97 9.23
C10 4CX C . 2.66 -2.03 9.99
C13 4CX C . -0.21 -4.29 9.59
C15 4CX C . -1.82 -5.41 11.01
C17 4CX C . -4.19 -5.81 10.37
C20 4CX C . -6.19 -5.48 11.89
C21 4CX C . -2.49 -4.62 8.85
C22 4CX C . -1.19 -4.13 8.62
C24 4CX C . 2.12 -4.53 8.85
C26 4CX C . 1.87 -5.91 8.20
C28 4CX C . 7.20 -0.96 5.33
C18 4CX C . -4.88 -4.88 11.39
C19 4CX C . -5.09 -3.48 10.82
C16 4CX C . -2.80 -5.27 10.04
C23 4CX C . -3.52 -4.49 7.88
N2 4CX C . -4.31 -4.35 7.06
C14 4CX C . -0.54 -4.92 10.79
C12 4CX C . 1.10 -3.82 9.46
C25 4CX C . 3.41 -3.97 8.79
F2 4CX C . 1.04 -5.76 7.16
F3 4CX C . 1.34 -6.74 9.08
F1 4CX C . 3.01 -6.43 7.74
C11 4CX C . 1.38 -2.57 10.04
C9 4CX C . 3.69 -2.72 9.35
O3 4CX C . 4.50 -0.03 9.23
C27 4CX C . 6.98 -1.29 6.66
C3 4CX C . 7.54 0.36 5.00
S 4CX C . 7.81 0.80 3.34
O1 4CX C . 8.92 1.80 3.23
O2 4CX C . 8.16 -0.43 2.52
C2 4CX C . 6.26 1.52 2.70
C1 4CX C . 5.07 0.61 2.99
#